data_3HNT
#
_entry.id   3HNT
#
_cell.length_a   146.702
_cell.length_b   95.787
_cell.length_c   35.790
_cell.angle_alpha   90.00
_cell.angle_beta   102.52
_cell.angle_gamma   90.00
#
_symmetry.space_group_name_H-M   'C 1 2 1'
#
loop_
_entity.id
_entity.type
_entity.pdbx_description
1 polymer 'CS-35 Fab Heavy Chain'
2 polymer 'CS-35 Fab Light Chain'
3 branched 'beta-D-arabinofuranose-(1-2)-alpha-D-arabinofuranose-(1-5)-alpha-D-arabinofuranose-(1-5)-methyl alpha-D-arabinofuranoside'
4 water water
#
loop_
_entity_poly.entity_id
_entity_poly.type
_entity_poly.pdbx_seq_one_letter_code
_entity_poly.pdbx_strand_id
1 'polypeptide(L)'
;EVQLQQSGTVLARPGTSVKMSCKASGYSFTNYWMHWVKQRPGQGLEWIGSIYPGNSDTNYKQKFKGKAKLTAVTSASTAY
MEVNSLTNEDSAVYYCTRFGNYVPFAYWGQGTLVTVSAATTTAPSVYPLVPGCSDTSGSSVTLGCLVKGYFPEPVTVKWN
YGALSSGVRTVSSVLQSGFYSLSSLVTVPSSTWPSQTVICNVAHPASKTELIKRIEPRIP
;
H
2 'polypeptide(L)'
;DIQMTQTTSSLSASLGDRVTIGCRASQDIGSYLNWYQQKPDGAVRLLIYYTSRLHSGVPSRFSGSGSGTHFSLTISNLEQ
EDIGTYFCHQDTKPPYTFGSGTKLEIKRADAAPTVSIFPPSSEQLTSGGASVVCFLNNFYPKDINVKWKIDGSERQNGVL
NSWTDQDSKDSTYSMSSTLTLTKDEYERHNSYTCEATHKTSTSPIVKSFNRNEC
;
L
#
loop_
_chem_comp.id
_chem_comp.type
_chem_comp.name
_chem_comp.formula
AXR D-saccharide 'methyl alpha-D-arabinofuranoside' 'C6 H12 O5'
BXX D-saccharide, beta linking beta-D-arabinofuranose 'C5 H10 O5'
BXY D-saccharide, alpha linking alpha-D-arabinofuranose 'C5 H10 O5'
#
# COMPACT_ATOMS: atom_id res chain seq x y z
N GLU A 1 8.33 21.93 9.78
CA GLU A 1 9.72 22.46 9.97
C GLU A 1 10.70 21.54 9.26
N VAL A 2 11.15 20.48 9.93
CA VAL A 2 12.03 19.49 9.32
C VAL A 2 11.29 18.69 8.26
N GLN A 3 11.84 18.66 7.06
CA GLN A 3 11.33 17.84 5.97
C GLN A 3 12.47 17.08 5.34
N LEU A 4 12.21 15.83 4.97
CA LEU A 4 13.14 15.02 4.19
C LEU A 4 12.48 14.62 2.88
N GLN A 5 12.92 15.23 1.80
CA GLN A 5 12.29 15.04 0.49
C GLN A 5 13.13 14.14 -0.41
N GLN A 6 12.60 12.95 -0.69
CA GLN A 6 13.33 11.96 -1.47
C GLN A 6 12.96 11.96 -2.96
N SER A 7 13.87 11.44 -3.77
CA SER A 7 13.67 11.42 -5.21
C SER A 7 12.58 10.42 -5.62
N GLY A 8 12.14 10.50 -6.88
CA GLY A 8 11.03 9.69 -7.36
C GLY A 8 11.41 8.25 -7.66
N THR A 9 10.40 7.43 -7.96
CA THR A 9 10.62 6.02 -8.28
C THR A 9 11.58 5.82 -9.47
N VAL A 10 12.34 4.73 -9.40
CA VAL A 10 13.32 4.41 -10.43
C VAL A 10 13.22 2.96 -10.89
N LEU A 11 13.32 2.76 -12.20
CA LEU A 11 13.44 1.45 -12.79
C LEU A 11 14.87 1.27 -13.30
N ALA A 12 15.49 0.17 -12.91
CA ALA A 12 16.88 -0.07 -13.30
C ALA A 12 17.09 -1.51 -13.70
N ARG A 13 17.92 -1.73 -14.72
CA ARG A 13 18.24 -3.06 -15.21
C ARG A 13 19.23 -3.75 -14.25
N PRO A 14 19.14 -5.08 -14.13
CA PRO A 14 20.11 -5.78 -13.28
C PRO A 14 21.56 -5.50 -13.69
N GLY A 15 22.43 -5.31 -12.71
CA GLY A 15 23.85 -5.08 -12.98
C GLY A 15 24.23 -3.61 -13.03
N THR A 16 23.23 -2.74 -13.22
CA THR A 16 23.48 -1.30 -13.27
C THR A 16 23.41 -0.72 -11.86
N SER A 17 23.51 0.61 -11.77
CA SER A 17 23.46 1.29 -10.48
C SER A 17 22.40 2.38 -10.47
N VAL A 18 21.86 2.64 -9.28
CA VAL A 18 20.94 3.76 -9.07
C VAL A 18 21.49 4.71 -8.02
N LYS A 19 21.26 6.01 -8.22
CA LYS A 19 21.64 7.01 -7.22
C LYS A 19 20.42 7.85 -6.86
N MET A 20 19.98 7.70 -5.62
CA MET A 20 18.80 8.43 -5.12
C MET A 20 19.21 9.54 -4.17
N SER A 21 18.30 10.50 -3.97
CA SER A 21 18.59 11.70 -3.20
C SER A 21 17.58 11.92 -2.07
N CYS A 22 18.00 12.72 -1.10
CA CYS A 22 17.20 13.03 0.08
C CYS A 22 17.52 14.47 0.46
N LYS A 23 16.67 15.42 0.03
CA LYS A 23 16.89 16.82 0.32
C LYS A 23 16.32 17.18 1.69
N ALA A 24 17.18 17.75 2.54
CA ALA A 24 16.81 18.13 3.90
C ALA A 24 16.55 19.62 4.00
N SER A 25 15.50 19.98 4.71
CA SER A 25 15.18 21.38 4.96
C SER A 25 14.68 21.56 6.39
N GLY A 26 14.83 22.77 6.91
CA GLY A 26 14.25 23.16 8.21
C GLY A 26 15.13 22.90 9.41
N TYR A 27 16.39 22.51 9.17
CA TYR A 27 17.36 22.32 10.23
C TYR A 27 18.77 22.43 9.65
N SER A 28 19.79 22.43 10.53
CA SER A 28 21.17 22.53 10.07
C SER A 28 21.67 21.17 9.59
N PHE A 29 21.63 21.00 8.27
CA PHE A 29 21.96 19.75 7.59
C PHE A 29 23.25 19.09 8.08
N THR A 30 24.28 19.90 8.33
CA THR A 30 25.61 19.39 8.69
C THR A 30 25.76 18.92 10.15
N ASN A 31 24.74 19.13 10.97
CA ASN A 31 24.81 18.83 12.41
C ASN A 31 24.03 17.59 12.87
N TYR A 32 23.48 16.83 11.92
CA TYR A 32 22.78 15.58 12.26
C TYR A 32 23.14 14.44 11.29
N TRP A 33 23.27 13.22 11.82
CA TRP A 33 23.48 12.03 11.00
C TRP A 33 22.25 11.70 10.18
N MET A 34 22.47 11.41 8.91
CA MET A 34 21.41 10.92 8.02
C MET A 34 21.61 9.42 7.82
N HIS A 35 20.55 8.65 8.05
CA HIS A 35 20.60 7.20 7.93
C HIS A 35 19.76 6.75 6.76
N TRP A 36 20.07 5.55 6.26
CA TRP A 36 19.31 4.94 5.19
C TRP A 36 18.82 3.57 5.59
N VAL A 37 17.57 3.30 5.25
CA VAL A 37 16.89 2.08 5.69
C VAL A 37 16.20 1.46 4.48
N LYS A 38 16.32 0.14 4.34
CA LYS A 38 15.76 -0.60 3.21
C LYS A 38 14.55 -1.41 3.65
N GLN A 39 13.46 -1.31 2.89
CA GLN A 39 12.26 -2.09 3.15
C GLN A 39 11.87 -2.96 1.95
N ARG A 40 12.13 -4.25 2.07
CA ARG A 40 11.72 -5.20 1.04
C ARG A 40 10.43 -5.88 1.52
N PRO A 41 9.43 -6.01 0.63
CA PRO A 41 8.13 -6.57 1.00
C PRO A 41 8.23 -7.90 1.73
N GLY A 42 7.61 -7.99 2.91
CA GLY A 42 7.67 -9.17 3.77
C GLY A 42 9.07 -9.54 4.22
N GLN A 43 9.92 -8.53 4.42
CA GLN A 43 11.32 -8.73 4.81
C GLN A 43 11.72 -7.68 5.86
N GLY A 44 10.73 -7.04 6.47
CA GLY A 44 10.97 -6.05 7.52
C GLY A 44 11.77 -4.84 7.09
N LEU A 45 12.53 -4.27 8.01
CA LEU A 45 13.37 -3.11 7.74
C LEU A 45 14.82 -3.44 7.98
N GLU A 46 15.69 -2.97 7.09
CA GLU A 46 17.12 -3.22 7.24
C GLU A 46 17.87 -1.89 7.25
N TRP A 47 18.76 -1.74 8.22
CA TRP A 47 19.62 -0.55 8.30
C TRP A 47 20.78 -0.71 7.33
N ILE A 48 21.02 0.32 6.51
CA ILE A 48 22.10 0.29 5.53
C ILE A 48 23.37 0.97 6.05
N GLY A 49 23.22 2.20 6.53
CA GLY A 49 24.36 3.02 6.94
C GLY A 49 23.94 4.44 7.27
N SER A 50 24.92 5.25 7.67
CA SER A 50 24.66 6.65 7.99
C SER A 50 25.86 7.54 7.64
N ILE A 51 25.57 8.83 7.49
CA ILE A 51 26.59 9.82 7.13
C ILE A 51 26.41 11.07 7.98
N TYR A 52 27.52 11.68 8.40
CA TYR A 52 27.49 12.95 9.09
C TYR A 52 28.01 14.01 8.12
N PRO A 53 27.09 14.79 7.52
CA PRO A 53 27.44 15.74 6.45
C PRO A 53 28.49 16.78 6.83
N GLY A 54 28.62 17.07 8.11
CA GLY A 54 29.57 18.06 8.60
C GLY A 54 31.03 17.74 8.30
N ASN A 55 31.38 16.45 8.36
CA ASN A 55 32.76 16.02 8.13
C ASN A 55 32.85 14.83 7.18
N SER A 56 31.70 14.39 6.67
CA SER A 56 31.57 13.32 5.67
C SER A 56 31.89 11.91 6.20
N ASP A 57 31.93 11.76 7.53
CA ASP A 57 32.12 10.46 8.15
C ASP A 57 30.93 9.55 7.85
N THR A 58 31.23 8.30 7.53
CA THR A 58 30.21 7.31 7.20
C THR A 58 30.41 6.03 8.00
N ASN A 59 29.31 5.34 8.27
CA ASN A 59 29.39 3.94 8.69
C ASN A 59 28.37 3.12 7.92
N TYR A 60 28.56 1.81 7.91
CA TYR A 60 27.77 0.89 7.10
C TYR A 60 27.57 -0.41 7.84
N LYS A 61 26.43 -1.04 7.61
CA LYS A 61 26.28 -2.45 7.92
C LYS A 61 27.28 -3.16 7.01
N GLN A 62 28.04 -4.09 7.56
CA GLN A 62 29.11 -4.77 6.81
C GLN A 62 28.70 -5.22 5.40
N LYS A 63 27.55 -5.88 5.34
CA LYS A 63 26.85 -6.31 4.13
C LYS A 63 26.86 -5.29 2.98
N PHE A 64 26.70 -4.02 3.33
CA PHE A 64 26.52 -2.96 2.33
C PHE A 64 27.79 -2.21 1.93
N LYS A 65 28.92 -2.53 2.57
CA LYS A 65 30.20 -1.95 2.18
C LYS A 65 30.55 -2.39 0.75
N GLY A 66 30.73 -1.42 -0.14
CA GLY A 66 31.03 -1.68 -1.54
C GLY A 66 29.80 -1.94 -2.40
N LYS A 67 28.64 -2.02 -1.73
CA LYS A 67 27.35 -2.23 -2.39
C LYS A 67 26.53 -0.93 -2.42
N ALA A 68 26.43 -0.28 -1.27
CA ALA A 68 25.81 1.06 -1.16
C ALA A 68 26.87 2.11 -0.82
N LYS A 69 26.75 3.30 -1.42
CA LYS A 69 27.69 4.38 -1.12
C LYS A 69 26.92 5.60 -0.69
N LEU A 70 27.23 6.11 0.49
CA LEU A 70 26.59 7.32 1.01
C LEU A 70 27.44 8.55 0.79
N THR A 71 26.81 9.60 0.26
CA THR A 71 27.48 10.89 0.10
C THR A 71 26.52 12.00 0.54
N ALA A 72 27.07 13.19 0.72
CA ALA A 72 26.26 14.37 1.02
C ALA A 72 26.91 15.60 0.40
N VAL A 73 26.06 16.53 -0.04
CA VAL A 73 26.52 17.78 -0.62
C VAL A 73 25.92 18.91 0.22
N THR A 74 26.79 19.65 0.89
CA THR A 74 26.39 20.67 1.86
C THR A 74 25.67 21.86 1.22
N SER A 75 26.24 22.38 0.14
CA SER A 75 25.66 23.50 -0.58
C SER A 75 24.24 23.20 -1.07
N ALA A 76 23.95 21.92 -1.23
CA ALA A 76 22.65 21.47 -1.72
C ALA A 76 21.75 20.93 -0.61
N SER A 77 22.32 20.78 0.59
CA SER A 77 21.61 20.23 1.74
C SER A 77 20.98 18.88 1.40
N THR A 78 21.74 18.06 0.67
CA THR A 78 21.20 16.83 0.11
C THR A 78 22.09 15.62 0.41
N ALA A 79 21.45 14.55 0.86
CA ALA A 79 22.12 13.26 1.09
C ALA A 79 21.82 12.34 -0.10
N TYR A 80 22.83 11.57 -0.52
CA TYR A 80 22.71 10.66 -1.65
C TYR A 80 23.10 9.24 -1.27
N MET A 81 22.44 8.27 -1.88
CA MET A 81 22.86 6.88 -1.78
C MET A 81 22.91 6.27 -3.16
N GLU A 82 24.06 5.66 -3.49
CA GLU A 82 24.26 4.98 -4.76
C GLU A 82 24.44 3.47 -4.55
N VAL A 83 23.50 2.70 -5.09
CA VAL A 83 23.52 1.24 -4.96
C VAL A 83 23.94 0.65 -6.31
N ASN A 84 25.02 -0.14 -6.30
CA ASN A 84 25.54 -0.75 -7.53
C ASN A 84 25.21 -2.24 -7.69
N SER A 85 25.58 -2.81 -8.83
CA SER A 85 25.40 -4.25 -9.12
C SER A 85 24.00 -4.73 -8.74
N LEU A 86 22.99 -4.08 -9.31
CA LEU A 86 21.61 -4.33 -8.89
C LEU A 86 21.09 -5.71 -9.21
N THR A 87 20.45 -6.31 -8.20
CA THR A 87 19.82 -7.63 -8.32
C THR A 87 18.37 -7.49 -7.93
N ASN A 88 17.59 -8.54 -8.13
CA ASN A 88 16.20 -8.55 -7.67
C ASN A 88 16.09 -8.17 -6.18
N GLU A 89 17.04 -8.67 -5.39
CA GLU A 89 17.09 -8.43 -3.95
C GLU A 89 17.21 -6.94 -3.58
N ASP A 90 17.50 -6.10 -4.58
CA ASP A 90 17.66 -4.68 -4.35
C ASP A 90 16.36 -3.90 -4.62
N SER A 91 15.34 -4.58 -5.15
CA SER A 91 14.02 -3.98 -5.27
C SER A 91 13.44 -3.75 -3.88
N ALA A 92 13.16 -2.50 -3.56
CA ALA A 92 12.71 -2.12 -2.23
C ALA A 92 12.29 -0.66 -2.21
N VAL A 93 11.66 -0.26 -1.12
CA VAL A 93 11.48 1.15 -0.76
C VAL A 93 12.66 1.51 0.13
N TYR A 94 13.38 2.55 -0.23
CA TYR A 94 14.49 3.02 0.59
C TYR A 94 14.10 4.33 1.24
N TYR A 95 14.38 4.43 2.55
CA TYR A 95 14.09 5.62 3.32
C TYR A 95 15.38 6.28 3.80
N CYS A 96 15.40 7.62 3.75
CA CYS A 96 16.41 8.38 4.48
C CYS A 96 15.73 8.84 5.77
N THR A 97 16.49 8.90 6.85
CA THR A 97 15.92 9.28 8.14
C THR A 97 16.98 9.96 9.01
N ARG A 98 16.57 11.00 9.73
CA ARG A 98 17.48 11.78 10.57
C ARG A 98 17.52 11.24 12.00
N PHE A 99 18.72 11.19 12.56
CA PHE A 99 18.94 10.69 13.91
C PHE A 99 19.26 11.84 14.85
N GLY A 100 18.70 11.81 16.06
CA GLY A 100 19.07 12.77 17.11
C GLY A 100 18.21 14.03 17.12
N ASN A 101 18.42 14.92 18.10
CA ASN A 101 19.33 14.69 19.23
C ASN A 101 18.56 14.21 20.46
N TYR A 102 19.08 13.18 21.12
CA TYR A 102 18.45 12.56 22.30
C TYR A 102 17.12 11.90 21.96
N VAL A 103 16.93 11.69 20.65
CA VAL A 103 15.86 10.87 20.09
C VAL A 103 16.53 10.05 18.99
N PRO A 104 15.90 8.93 18.58
CA PRO A 104 16.43 8.16 17.45
C PRO A 104 15.97 8.75 16.11
N PHE A 105 15.26 7.95 15.29
CA PHE A 105 14.85 8.39 13.97
C PHE A 105 13.57 9.22 14.06
N ALA A 106 13.72 10.50 14.38
CA ALA A 106 12.56 11.35 14.66
C ALA A 106 11.85 11.83 13.39
N TYR A 107 12.61 11.85 12.29
CA TYR A 107 12.14 12.38 11.01
C TYR A 107 12.47 11.45 9.85
N TRP A 108 11.46 11.15 9.03
CA TRP A 108 11.61 10.21 7.93
C TRP A 108 11.27 10.82 6.59
N GLY A 109 12.01 10.43 5.57
CA GLY A 109 11.65 10.67 4.17
C GLY A 109 10.41 9.86 3.81
N GLN A 110 9.82 10.16 2.66
CA GLN A 110 8.61 9.47 2.21
C GLN A 110 8.92 8.13 1.54
N GLY A 111 10.21 7.86 1.32
CA GLY A 111 10.64 6.64 0.64
C GLY A 111 10.84 6.80 -0.86
N THR A 112 11.79 6.04 -1.40
CA THR A 112 12.03 5.96 -2.84
C THR A 112 11.91 4.50 -3.24
N LEU A 113 10.99 4.22 -4.17
CA LEU A 113 10.81 2.87 -4.67
C LEU A 113 11.77 2.56 -5.82
N VAL A 114 12.56 1.52 -5.63
CA VAL A 114 13.44 1.01 -6.68
C VAL A 114 12.89 -0.31 -7.22
N THR A 115 12.73 -0.37 -8.54
CA THR A 115 12.40 -1.64 -9.20
C THR A 115 13.55 -2.08 -10.08
N VAL A 116 14.14 -3.23 -9.74
CA VAL A 116 15.17 -3.85 -10.56
C VAL A 116 14.50 -4.85 -11.49
N SER A 117 14.59 -4.59 -12.80
CA SER A 117 13.97 -5.44 -13.81
C SER A 117 14.59 -5.23 -15.19
N ALA A 118 14.54 -6.27 -16.01
CA ALA A 118 14.97 -6.17 -17.40
C ALA A 118 13.82 -5.70 -18.30
N ALA A 119 12.60 -5.73 -17.76
CA ALA A 119 11.40 -5.31 -18.49
C ALA A 119 11.37 -3.80 -18.65
N THR A 120 10.77 -3.35 -19.74
CA THR A 120 10.66 -1.92 -20.04
C THR A 120 9.40 -1.36 -19.41
N THR A 121 9.33 -0.03 -19.28
CA THR A 121 8.13 0.63 -18.79
C THR A 121 6.97 0.46 -19.78
N THR A 122 5.79 0.18 -19.22
CA THR A 122 4.55 0.04 -19.97
C THR A 122 3.46 0.85 -19.25
N ALA A 123 2.89 1.81 -19.95
CA ALA A 123 1.79 2.61 -19.42
C ALA A 123 0.55 1.73 -19.30
N PRO A 124 -0.32 2.03 -18.32
CA PRO A 124 -1.55 1.24 -18.17
C PRO A 124 -2.59 1.52 -19.25
N SER A 125 -3.45 0.54 -19.49
CA SER A 125 -4.68 0.75 -20.23
C SER A 125 -5.75 0.93 -19.17
N VAL A 126 -6.62 1.92 -19.39
CA VAL A 126 -7.69 2.22 -18.44
C VAL A 126 -9.02 1.96 -19.13
N TYR A 127 -9.90 1.22 -18.45
CA TYR A 127 -11.25 0.99 -18.94
C TYR A 127 -12.28 1.37 -17.89
N PRO A 128 -13.37 2.00 -18.32
CA PRO A 128 -14.44 2.42 -17.43
C PRO A 128 -15.21 1.23 -16.87
N LEU A 129 -15.66 1.37 -15.62
CA LEU A 129 -16.54 0.40 -15.00
C LEU A 129 -17.92 1.01 -14.85
N VAL A 130 -18.85 0.53 -15.68
CA VAL A 130 -20.18 1.13 -15.81
C VAL A 130 -21.25 0.06 -15.56
N PRO A 131 -22.27 0.36 -14.73
CA PRO A 131 -23.31 -0.65 -14.49
C PRO A 131 -23.98 -1.14 -15.76
N GLY A 132 -24.45 -2.39 -15.73
CA GLY A 132 -25.16 -2.99 -16.85
C GLY A 132 -26.45 -2.25 -17.14
N CYS A 133 -26.92 -2.37 -18.38
CA CYS A 133 -28.04 -1.55 -18.88
C CYS A 133 -29.28 -1.51 -17.97
N SER A 134 -29.22 -0.61 -16.99
CA SER A 134 -30.31 -0.31 -16.03
C SER A 134 -30.99 -1.52 -15.38
N ASP A 135 -30.41 -2.01 -14.29
CA ASP A 135 -30.91 -3.23 -13.63
C ASP A 135 -30.83 -3.23 -12.09
N THR A 136 -30.44 -2.10 -11.49
CA THR A 136 -30.29 -2.01 -10.03
C THR A 136 -30.76 -0.66 -9.48
N SER A 137 -31.43 -0.71 -8.34
CA SER A 137 -31.90 0.50 -7.66
C SER A 137 -31.06 0.83 -6.42
N GLY A 138 -30.76 2.11 -6.20
CA GLY A 138 -31.19 3.19 -7.09
C GLY A 138 -30.81 4.60 -6.65
N SER A 139 -30.39 4.75 -5.39
CA SER A 139 -30.00 6.04 -4.84
C SER A 139 -28.49 6.26 -4.91
N SER A 140 -27.72 5.18 -4.80
CA SER A 140 -26.27 5.24 -4.89
C SER A 140 -25.77 4.34 -6.01
N VAL A 141 -25.07 4.95 -6.97
CA VAL A 141 -24.46 4.21 -8.07
C VAL A 141 -22.97 3.99 -7.78
N THR A 142 -22.47 2.80 -8.07
CA THR A 142 -21.02 2.54 -8.01
C THR A 142 -20.41 2.51 -9.41
N LEU A 143 -19.40 3.35 -9.60
CA LEU A 143 -18.69 3.51 -10.87
C LEU A 143 -17.23 3.18 -10.63
N GLY A 144 -16.44 3.06 -11.69
CA GLY A 144 -15.02 2.84 -11.51
C GLY A 144 -14.14 2.88 -12.75
N CYS A 145 -12.87 2.58 -12.53
CA CYS A 145 -11.90 2.43 -13.62
C CYS A 145 -11.05 1.23 -13.36
N LEU A 146 -10.92 0.39 -14.37
CA LEU A 146 -10.01 -0.75 -14.36
C LEU A 146 -8.69 -0.30 -14.96
N VAL A 147 -7.60 -0.52 -14.22
CA VAL A 147 -6.27 -0.11 -14.64
C VAL A 147 -5.45 -1.37 -14.89
N LYS A 148 -5.03 -1.59 -16.14
CA LYS A 148 -4.54 -2.89 -16.58
C LYS A 148 -3.19 -2.80 -17.30
N GLY A 149 -2.33 -3.79 -17.06
CA GLY A 149 -1.18 -4.05 -17.93
C GLY A 149 -0.02 -3.08 -17.81
N TYR A 150 0.17 -2.50 -16.62
CA TYR A 150 1.25 -1.54 -16.43
C TYR A 150 2.48 -2.14 -15.72
N PHE A 151 3.62 -1.46 -15.90
CA PHE A 151 4.87 -1.82 -15.26
C PHE A 151 5.83 -0.65 -15.38
N PRO A 152 6.61 -0.37 -14.31
CA PRO A 152 6.57 -0.95 -12.97
C PRO A 152 5.54 -0.24 -12.08
N GLU A 153 5.66 -0.44 -10.77
CA GLU A 153 4.86 0.29 -9.79
C GLU A 153 5.41 1.72 -9.62
N PRO A 154 4.60 2.65 -9.07
CA PRO A 154 3.18 2.55 -8.72
C PRO A 154 2.24 3.22 -9.73
N VAL A 155 0.95 3.02 -9.51
CA VAL A 155 -0.09 3.84 -10.11
C VAL A 155 -0.91 4.43 -8.96
N THR A 156 -1.35 5.67 -9.15
CA THR A 156 -2.29 6.31 -8.23
C THR A 156 -3.56 6.67 -8.99
N VAL A 157 -4.70 6.54 -8.32
CA VAL A 157 -5.98 6.90 -8.89
C VAL A 157 -6.65 7.95 -8.02
N LYS A 158 -7.21 8.97 -8.65
CA LYS A 158 -8.06 9.92 -7.95
C LYS A 158 -9.31 10.21 -8.77
N TRP A 159 -10.28 10.89 -8.17
CA TRP A 159 -11.55 11.13 -8.83
C TRP A 159 -11.89 12.60 -8.87
N ASN A 160 -12.37 13.05 -10.02
CA ASN A 160 -12.62 14.47 -10.31
C ASN A 160 -11.45 15.36 -9.90
N TYR A 161 -10.26 14.94 -10.31
CA TYR A 161 -9.00 15.63 -10.05
C TYR A 161 -8.70 15.77 -8.55
N GLY A 162 -9.25 14.85 -7.76
CA GLY A 162 -9.07 14.83 -6.31
C GLY A 162 -10.22 15.44 -5.53
N ALA A 163 -11.16 16.09 -6.22
CA ALA A 163 -12.29 16.73 -5.54
C ALA A 163 -13.26 15.71 -4.94
N LEU A 164 -13.27 14.51 -5.50
CA LEU A 164 -14.13 13.42 -5.04
C LEU A 164 -13.29 12.39 -4.29
N SER A 165 -13.50 12.29 -2.97
CA SER A 165 -12.68 11.40 -2.14
C SER A 165 -13.51 10.49 -1.24
N SER A 166 -14.71 10.96 -0.87
CA SER A 166 -15.66 10.17 -0.10
C SER A 166 -16.22 9.03 -0.96
N GLY A 167 -16.31 7.84 -0.37
CA GLY A 167 -16.85 6.67 -1.05
C GLY A 167 -15.95 6.03 -2.09
N VAL A 168 -14.68 6.46 -2.13
CA VAL A 168 -13.69 5.92 -3.06
C VAL A 168 -13.03 4.69 -2.45
N ARG A 169 -12.97 3.61 -3.22
CA ARG A 169 -12.30 2.37 -2.80
C ARG A 169 -11.32 1.94 -3.89
N THR A 170 -10.03 1.95 -3.57
CA THR A 170 -9.02 1.54 -4.52
C THR A 170 -8.30 0.32 -3.98
N VAL A 171 -8.45 -0.81 -4.66
CA VAL A 171 -7.84 -2.06 -4.23
C VAL A 171 -6.35 -2.08 -4.51
N SER A 172 -5.62 -2.90 -3.76
CA SER A 172 -4.20 -3.09 -3.98
C SER A 172 -3.92 -3.61 -5.39
N SER A 173 -2.80 -3.17 -5.96
CA SER A 173 -2.32 -3.73 -7.23
C SER A 173 -2.05 -5.23 -7.09
N VAL A 174 -2.20 -5.97 -8.19
CA VAL A 174 -1.82 -7.38 -8.25
C VAL A 174 -0.83 -7.58 -9.40
N LEU A 175 0.16 -8.43 -9.17
CA LEU A 175 1.12 -8.79 -10.20
C LEU A 175 0.75 -10.12 -10.85
N GLN A 176 0.61 -10.11 -12.18
CA GLN A 176 0.36 -11.31 -12.96
C GLN A 176 1.08 -11.28 -14.30
N SER A 177 1.83 -12.35 -14.57
CA SER A 177 2.54 -12.53 -15.83
C SER A 177 3.40 -11.31 -16.21
N GLY A 178 4.07 -10.74 -15.22
CA GLY A 178 5.00 -9.61 -15.42
C GLY A 178 4.41 -8.21 -15.36
N PHE A 179 3.09 -8.11 -15.25
CA PHE A 179 2.39 -6.83 -15.29
C PHE A 179 1.47 -6.63 -14.09
N TYR A 180 1.21 -5.37 -13.77
CA TYR A 180 0.32 -4.99 -12.68
C TYR A 180 -1.03 -4.51 -13.16
N SER A 181 -2.03 -4.71 -12.30
CA SER A 181 -3.38 -4.23 -12.53
C SER A 181 -4.04 -3.88 -11.20
N LEU A 182 -4.93 -2.91 -11.25
CA LEU A 182 -5.74 -2.56 -10.09
C LEU A 182 -7.08 -2.02 -10.58
N SER A 183 -7.98 -1.76 -9.64
CA SER A 183 -9.24 -1.12 -9.93
C SER A 183 -9.59 -0.13 -8.82
N SER A 184 -10.20 0.98 -9.21
CA SER A 184 -10.69 1.96 -8.25
C SER A 184 -12.16 2.18 -8.50
N LEU A 185 -12.93 2.22 -7.42
CA LEU A 185 -14.37 2.39 -7.51
C LEU A 185 -14.84 3.52 -6.62
N VAL A 186 -15.91 4.16 -7.04
CA VAL A 186 -16.49 5.24 -6.26
C VAL A 186 -18.00 5.03 -6.20
N THR A 187 -18.58 5.24 -5.01
CA THR A 187 -20.02 5.12 -4.84
C THR A 187 -20.59 6.52 -4.57
N VAL A 188 -21.36 7.03 -5.53
CA VAL A 188 -21.89 8.41 -5.47
C VAL A 188 -23.41 8.46 -5.64
N PRO A 189 -24.06 9.47 -5.01
CA PRO A 189 -25.51 9.68 -5.18
C PRO A 189 -25.93 9.68 -6.64
N SER A 190 -27.13 9.14 -6.90
CA SER A 190 -27.68 9.00 -8.25
C SER A 190 -27.87 10.32 -9.00
N SER A 191 -28.04 11.41 -8.26
CA SER A 191 -28.24 12.72 -8.85
C SER A 191 -26.95 13.30 -9.44
N THR A 192 -25.81 12.81 -8.93
CA THR A 192 -24.50 13.27 -9.40
C THR A 192 -24.13 12.65 -10.75
N TRP A 193 -24.37 11.34 -10.90
CA TRP A 193 -24.03 10.60 -12.11
C TRP A 193 -25.25 9.89 -12.71
N PRO A 194 -25.42 9.96 -14.05
CA PRO A 194 -24.56 10.56 -15.10
C PRO A 194 -24.65 12.09 -15.29
N SER A 195 -25.23 12.81 -14.34
CA SER A 195 -25.36 14.28 -14.43
C SER A 195 -24.03 15.03 -14.58
N GLN A 196 -23.09 14.77 -13.68
CA GLN A 196 -21.80 15.48 -13.67
C GLN A 196 -20.67 14.58 -14.14
N THR A 197 -19.63 15.18 -14.72
CA THR A 197 -18.43 14.45 -15.11
C THR A 197 -17.85 13.72 -13.92
N VAL A 198 -17.99 12.40 -13.92
CA VAL A 198 -17.22 11.57 -13.03
C VAL A 198 -16.02 11.10 -13.86
N ILE A 199 -14.86 11.65 -13.55
CA ILE A 199 -13.62 11.27 -14.22
C ILE A 199 -12.70 10.60 -13.21
N CYS A 200 -12.05 9.53 -13.65
CA CYS A 200 -10.94 8.99 -12.87
C CYS A 200 -9.63 9.47 -13.48
N ASN A 201 -8.72 9.82 -12.59
CA ASN A 201 -7.39 10.30 -12.96
C ASN A 201 -6.37 9.24 -12.62
N VAL A 202 -5.69 8.73 -13.65
CA VAL A 202 -4.73 7.65 -13.48
C VAL A 202 -3.32 8.17 -13.78
N ALA A 203 -2.47 8.18 -12.76
CA ALA A 203 -1.08 8.62 -12.94
C ALA A 203 -0.13 7.43 -12.82
N HIS A 204 0.83 7.35 -13.75
CA HIS A 204 1.86 6.31 -13.74
C HIS A 204 3.24 6.96 -13.86
N PRO A 205 3.84 7.33 -12.71
CA PRO A 205 5.11 8.07 -12.61
C PRO A 205 6.26 7.54 -13.48
N ALA A 206 6.39 6.21 -13.58
CA ALA A 206 7.48 5.62 -14.36
C ALA A 206 7.41 5.97 -15.85
N SER A 207 6.19 6.05 -16.38
CA SER A 207 5.98 6.37 -17.80
C SER A 207 5.66 7.83 -18.03
N LYS A 208 5.56 8.59 -16.92
CA LYS A 208 5.21 10.01 -16.94
C LYS A 208 3.85 10.29 -17.59
N THR A 209 2.93 9.34 -17.47
CA THR A 209 1.60 9.48 -18.05
C THR A 209 0.59 9.92 -16.99
N GLU A 210 -0.34 10.78 -17.44
CA GLU A 210 -1.44 11.27 -16.62
C GLU A 210 -2.72 11.11 -17.43
N LEU A 211 -3.47 10.05 -17.11
CA LEU A 211 -4.60 9.63 -17.91
C LEU A 211 -5.94 10.04 -17.29
N ILE A 212 -6.92 10.30 -18.16
CA ILE A 212 -8.29 10.53 -17.75
C ILE A 212 -9.23 9.54 -18.43
N LYS A 213 -10.27 9.14 -17.70
CA LYS A 213 -11.29 8.28 -18.25
C LYS A 213 -12.64 8.78 -17.76
N ARG A 214 -13.43 9.27 -18.71
CA ARG A 214 -14.79 9.71 -18.47
C ARG A 214 -15.67 8.49 -18.22
N ILE A 215 -16.56 8.60 -17.23
CA ILE A 215 -17.49 7.52 -16.92
C ILE A 215 -18.86 7.92 -17.45
N GLU A 216 -19.25 7.24 -18.51
CA GLU A 216 -20.46 7.58 -19.24
C GLU A 216 -21.36 6.35 -19.33
N PRO A 217 -22.68 6.56 -19.27
CA PRO A 217 -23.66 5.48 -19.40
C PRO A 217 -23.49 4.70 -20.72
N ARG A 218 -23.93 3.44 -20.73
CA ARG A 218 -23.77 2.58 -21.91
C ARG A 218 -24.64 3.04 -23.07
N ILE A 219 -24.27 2.61 -24.28
CA ILE A 219 -25.04 2.91 -25.49
C ILE A 219 -26.35 2.10 -25.49
N PRO A 220 -27.51 2.80 -25.58
CA PRO A 220 -28.82 2.15 -25.62
C PRO A 220 -29.00 1.24 -26.84
N ASP B 1 24.63 -10.13 14.04
CA ASP B 1 24.02 -8.90 14.62
C ASP B 1 22.98 -9.23 15.69
N ILE B 2 22.33 -8.20 16.23
CA ILE B 2 21.26 -8.39 17.20
C ILE B 2 19.94 -8.63 16.47
N GLN B 3 19.38 -9.82 16.61
CA GLN B 3 18.10 -10.14 15.96
C GLN B 3 16.93 -9.68 16.82
N MET B 4 16.09 -8.84 16.22
CA MET B 4 14.85 -8.38 16.83
C MET B 4 13.70 -9.21 16.28
N THR B 5 12.95 -9.83 17.19
CA THR B 5 11.86 -10.73 16.83
C THR B 5 10.56 -10.17 17.37
N GLN B 6 9.56 -10.00 16.50
CA GLN B 6 8.27 -9.54 16.99
C GLN B 6 7.35 -10.71 17.26
N THR B 7 6.57 -10.60 18.34
CA THR B 7 5.77 -11.72 18.85
C THR B 7 4.85 -12.31 17.78
N THR B 8 4.16 -11.42 17.07
CA THR B 8 3.23 -11.83 16.02
C THR B 8 3.29 -10.90 14.83
N SER B 9 2.98 -11.42 13.65
CA SER B 9 3.03 -10.60 12.43
C SER B 9 1.76 -9.80 12.22
N SER B 10 0.65 -10.25 12.81
CA SER B 10 -0.62 -9.54 12.71
C SER B 10 -1.44 -9.67 13.98
N LEU B 11 -2.23 -8.63 14.25
CA LEU B 11 -3.03 -8.54 15.46
C LEU B 11 -4.34 -7.86 15.10
N SER B 12 -5.44 -8.41 15.60
CA SER B 12 -6.77 -7.84 15.44
C SER B 12 -7.39 -7.57 16.81
N ALA B 13 -7.92 -6.35 17.00
CA ALA B 13 -8.48 -5.96 18.30
C ALA B 13 -9.63 -4.97 18.18
N SER B 14 -10.55 -5.02 19.15
CA SER B 14 -11.74 -4.18 19.15
C SER B 14 -11.46 -2.79 19.69
N LEU B 15 -12.21 -1.80 19.20
CA LEU B 15 -12.07 -0.44 19.72
C LEU B 15 -12.32 -0.40 21.23
N GLY B 16 -11.45 0.30 21.94
CA GLY B 16 -11.57 0.45 23.38
C GLY B 16 -10.73 -0.56 24.16
N ASP B 17 -10.33 -1.64 23.49
CA ASP B 17 -9.58 -2.72 24.14
C ASP B 17 -8.09 -2.41 24.33
N ARG B 18 -7.48 -3.05 25.32
CA ARG B 18 -6.03 -2.93 25.52
C ARG B 18 -5.28 -3.82 24.56
N VAL B 19 -4.26 -3.25 23.92
CA VAL B 19 -3.53 -3.96 22.87
C VAL B 19 -2.04 -3.89 23.19
N THR B 20 -1.37 -5.04 23.11
CA THR B 20 0.06 -5.10 23.30
C THR B 20 0.76 -5.68 22.07
N ILE B 21 1.87 -5.05 21.71
CA ILE B 21 2.69 -5.53 20.61
C ILE B 21 4.07 -5.79 21.17
N GLY B 22 4.53 -7.03 21.03
CA GLY B 22 5.77 -7.48 21.65
C GLY B 22 6.99 -7.54 20.73
N CYS B 23 8.16 -7.38 21.33
CA CYS B 23 9.44 -7.45 20.63
C CYS B 23 10.47 -8.08 21.57
N ARG B 24 11.31 -8.96 21.01
CA ARG B 24 12.38 -9.61 21.75
C ARG B 24 13.72 -9.38 21.05
N ALA B 25 14.77 -9.17 21.86
CA ALA B 25 16.13 -9.02 21.35
C ALA B 25 16.97 -10.25 21.68
N SER B 26 17.85 -10.62 20.75
CA SER B 26 18.73 -11.79 20.88
C SER B 26 19.84 -11.58 21.92
N GLN B 27 20.05 -10.34 22.33
CA GLN B 27 20.96 -9.99 23.43
C GLN B 27 20.37 -8.85 24.25
N ASP B 28 20.94 -8.56 25.42
CA ASP B 28 20.47 -7.43 26.23
C ASP B 28 20.82 -6.11 25.56
N ILE B 29 19.79 -5.31 25.28
CA ILE B 29 19.96 -3.99 24.66
C ILE B 29 19.64 -2.84 25.62
N GLY B 30 19.52 -3.15 26.91
CA GLY B 30 19.16 -2.16 27.92
C GLY B 30 17.85 -1.46 27.58
N SER B 31 17.89 -0.12 27.58
CA SER B 31 16.71 0.67 27.24
C SER B 31 16.67 1.14 25.78
N TYR B 32 17.65 0.73 24.97
CA TYR B 32 17.78 1.21 23.59
C TYR B 32 16.82 0.51 22.62
N LEU B 33 15.53 0.73 22.82
CA LEU B 33 14.50 0.12 22.00
C LEU B 33 13.43 1.13 21.62
N ASN B 34 13.15 1.21 20.32
CA ASN B 34 12.24 2.22 19.76
C ASN B 34 11.09 1.59 18.99
N TRP B 35 10.00 2.33 18.89
CA TRP B 35 8.79 1.88 18.22
C TRP B 35 8.37 2.87 17.16
N TYR B 36 8.25 2.41 15.93
CA TYR B 36 7.77 3.22 14.81
C TYR B 36 6.47 2.66 14.29
N GLN B 37 5.60 3.56 13.82
CA GLN B 37 4.33 3.19 13.20
C GLN B 37 4.40 3.55 11.73
N GLN B 38 4.06 2.59 10.87
CA GLN B 38 3.98 2.85 9.44
C GLN B 38 2.55 2.74 8.94
N LYS B 39 2.09 3.79 8.26
CA LYS B 39 0.77 3.84 7.65
C LYS B 39 0.78 3.25 6.22
N PRO B 40 -0.40 2.87 5.68
CA PRO B 40 -0.48 2.28 4.34
C PRO B 40 0.16 3.08 3.20
N ASP B 41 0.19 4.41 3.32
CA ASP B 41 0.84 5.26 2.32
C ASP B 41 2.37 5.26 2.45
N GLY B 42 2.87 4.50 3.41
CA GLY B 42 4.29 4.30 3.61
C GLY B 42 4.94 5.24 4.61
N ALA B 43 4.18 6.21 5.11
CA ALA B 43 4.69 7.18 6.06
C ALA B 43 5.10 6.50 7.37
N VAL B 44 6.30 6.84 7.85
CA VAL B 44 6.83 6.26 9.09
C VAL B 44 6.90 7.35 10.15
N ARG B 45 6.55 6.98 11.38
CA ARG B 45 6.46 7.93 12.48
C ARG B 45 6.99 7.29 13.75
N LEU B 46 7.92 7.97 14.42
CA LEU B 46 8.40 7.53 15.73
C LEU B 46 7.32 7.72 16.80
N LEU B 47 7.01 6.67 17.55
CA LEU B 47 6.01 6.76 18.62
C LEU B 47 6.63 6.73 20.01
N ILE B 48 7.51 5.76 20.24
CA ILE B 48 8.16 5.56 21.53
C ILE B 48 9.66 5.38 21.31
N TYR B 49 10.45 6.09 22.12
CA TYR B 49 11.88 5.91 22.11
C TYR B 49 12.44 5.65 23.50
N TYR B 50 13.63 5.04 23.52
CA TYR B 50 14.29 4.66 24.76
C TYR B 50 13.36 3.85 25.66
N THR B 51 12.73 2.84 25.04
CA THR B 51 11.81 1.92 25.71
C THR B 51 10.43 2.52 26.06
N SER B 52 10.41 3.72 26.65
CA SER B 52 9.18 4.16 27.30
C SER B 52 8.76 5.61 27.10
N ARG B 53 9.58 6.37 26.38
CA ARG B 53 9.36 7.81 26.21
C ARG B 53 8.57 8.09 24.95
N LEU B 54 7.49 8.86 25.10
CA LEU B 54 6.59 9.17 23.98
C LEU B 54 7.16 10.34 23.18
N HIS B 55 6.97 10.27 21.86
CA HIS B 55 7.46 11.31 20.96
C HIS B 55 6.34 12.26 20.54
N SER B 56 6.55 12.99 19.45
CA SER B 56 5.70 14.13 19.08
C SER B 56 4.26 13.76 18.73
N GLY B 57 3.31 14.43 19.38
CA GLY B 57 1.89 14.20 19.11
C GLY B 57 1.36 12.81 19.41
N VAL B 58 2.12 12.00 20.15
CA VAL B 58 1.68 10.65 20.49
C VAL B 58 0.73 10.68 21.70
N PRO B 59 -0.49 10.15 21.51
CA PRO B 59 -1.52 10.07 22.55
C PRO B 59 -1.06 9.37 23.82
N SER B 60 -1.59 9.82 24.95
CA SER B 60 -1.27 9.25 26.26
C SER B 60 -1.67 7.78 26.41
N ARG B 61 -2.50 7.31 25.47
CA ARG B 61 -2.88 5.89 25.34
C ARG B 61 -1.71 4.94 25.15
N PHE B 62 -0.60 5.46 24.61
CA PHE B 62 0.57 4.65 24.36
C PHE B 62 1.50 4.61 25.56
N SER B 63 2.07 3.43 25.83
CA SER B 63 3.16 3.28 26.78
C SER B 63 4.09 2.16 26.33
N GLY B 64 5.29 2.17 26.88
CA GLY B 64 6.28 1.14 26.58
C GLY B 64 6.89 0.52 27.81
N SER B 65 7.28 -0.75 27.67
CA SER B 65 7.90 -1.48 28.75
C SER B 65 9.05 -2.31 28.18
N GLY B 66 10.02 -2.61 29.02
CA GLY B 66 11.20 -3.37 28.59
C GLY B 66 11.97 -3.95 29.75
N SER B 67 12.53 -5.14 29.55
CA SER B 67 13.35 -5.81 30.54
C SER B 67 14.82 -5.75 30.12
N GLY B 68 15.05 -5.27 28.90
CA GLY B 68 16.37 -5.32 28.28
C GLY B 68 16.44 -6.35 27.17
N THR B 69 15.57 -7.37 27.26
CA THR B 69 15.52 -8.42 26.23
C THR B 69 14.12 -8.59 25.67
N HIS B 70 13.12 -8.27 26.48
CA HIS B 70 11.72 -8.39 26.08
C HIS B 70 11.04 -7.02 26.23
N PHE B 71 10.34 -6.61 25.19
CA PHE B 71 9.78 -5.27 25.11
C PHE B 71 8.36 -5.31 24.60
N SER B 72 7.57 -4.30 24.96
CA SER B 72 6.23 -4.20 24.43
C SER B 72 5.75 -2.75 24.29
N LEU B 73 5.00 -2.52 23.22
CA LEU B 73 4.22 -1.30 23.06
C LEU B 73 2.80 -1.62 23.50
N THR B 74 2.21 -0.76 24.35
CA THR B 74 0.85 -1.00 24.80
C THR B 74 -0.06 0.18 24.44
N ILE B 75 -1.25 -0.12 23.91
CA ILE B 75 -2.28 0.89 23.68
C ILE B 75 -3.36 0.62 24.74
N SER B 76 -3.58 1.60 25.62
CA SER B 76 -4.52 1.41 26.73
C SER B 76 -5.92 1.10 26.21
N ASN B 77 -6.37 1.89 25.23
CA ASN B 77 -7.72 1.84 24.70
C ASN B 77 -7.68 2.09 23.20
N LEU B 78 -7.82 1.02 22.41
CA LEU B 78 -7.67 1.13 20.95
C LEU B 78 -8.61 2.14 20.30
N GLU B 79 -8.04 3.02 19.49
CA GLU B 79 -8.82 4.03 18.73
C GLU B 79 -8.64 3.82 17.23
N GLN B 80 -9.59 4.35 16.44
CA GLN B 80 -9.59 4.20 14.98
C GLN B 80 -8.25 4.54 14.32
N GLU B 81 -7.66 5.63 14.77
CA GLU B 81 -6.44 6.17 14.18
C GLU B 81 -5.21 5.30 14.37
N ASP B 82 -5.35 4.22 15.14
CA ASP B 82 -4.20 3.37 15.51
C ASP B 82 -3.89 2.27 14.48
N ILE B 83 -4.67 2.20 13.39
CA ILE B 83 -4.38 1.24 12.32
C ILE B 83 -2.99 1.49 11.75
N GLY B 84 -2.22 0.41 11.57
CA GLY B 84 -0.94 0.51 10.90
C GLY B 84 -0.05 -0.67 11.26
N THR B 85 1.20 -0.60 10.84
CA THR B 85 2.17 -1.64 11.13
C THR B 85 3.20 -1.06 12.08
N TYR B 86 3.51 -1.82 13.14
CA TYR B 86 4.37 -1.36 14.21
C TYR B 86 5.67 -2.13 14.20
N PHE B 87 6.78 -1.40 14.15
CA PHE B 87 8.12 -1.99 14.09
C PHE B 87 8.93 -1.58 15.33
N CYS B 88 9.68 -2.53 15.88
CA CYS B 88 10.64 -2.18 16.92
C CYS B 88 12.03 -1.98 16.30
N HIS B 89 12.91 -1.31 17.05
CA HIS B 89 14.21 -0.90 16.54
C HIS B 89 15.18 -0.73 17.71
N GLN B 90 16.26 -1.53 17.69
CA GLN B 90 17.35 -1.35 18.65
C GLN B 90 18.45 -0.48 18.07
N ASP B 91 18.90 0.48 18.87
CA ASP B 91 19.93 1.43 18.43
C ASP B 91 21.06 1.55 19.45
N THR B 92 21.52 0.43 19.97
CA THR B 92 22.60 0.43 20.95
C THR B 92 23.85 1.04 20.33
N LYS B 93 24.13 0.61 19.10
CA LYS B 93 25.28 1.05 18.31
C LYS B 93 25.14 0.40 16.94
N PRO B 94 25.88 0.90 15.93
CA PRO B 94 25.84 0.24 14.62
C PRO B 94 26.33 -1.21 14.73
N PRO B 95 25.69 -2.16 14.02
CA PRO B 95 24.57 -1.97 13.09
C PRO B 95 23.21 -2.01 13.78
N TYR B 96 22.38 -1.00 13.50
CA TYR B 96 21.04 -1.00 14.02
C TYR B 96 20.23 -2.12 13.37
N THR B 97 19.28 -2.67 14.11
CA THR B 97 18.40 -3.72 13.59
C THR B 97 16.95 -3.45 13.96
N PHE B 98 16.04 -4.07 13.19
CA PHE B 98 14.62 -3.83 13.33
C PHE B 98 13.89 -5.15 13.44
N GLY B 99 12.77 -5.16 14.16
CA GLY B 99 11.79 -6.25 14.07
C GLY B 99 11.09 -6.19 12.72
N SER B 100 10.44 -7.29 12.34
CA SER B 100 9.81 -7.37 11.01
C SER B 100 8.37 -6.85 10.93
N GLY B 101 7.90 -6.31 12.05
CA GLY B 101 6.62 -5.60 12.09
C GLY B 101 5.42 -6.42 12.52
N THR B 102 4.44 -5.74 13.10
CA THR B 102 3.14 -6.31 13.47
C THR B 102 2.05 -5.44 12.88
N LYS B 103 1.24 -6.02 12.00
CA LYS B 103 0.16 -5.27 11.36
C LYS B 103 -1.04 -5.30 12.29
N LEU B 104 -1.51 -4.11 12.69
CA LEU B 104 -2.65 -4.00 13.60
C LEU B 104 -3.96 -3.66 12.86
N GLU B 105 -4.95 -4.55 13.00
CA GLU B 105 -6.26 -4.40 12.39
C GLU B 105 -7.29 -4.10 13.48
N ILE B 106 -8.32 -3.33 13.13
CA ILE B 106 -9.42 -3.10 14.05
C ILE B 106 -10.49 -4.16 13.83
N LYS B 107 -10.84 -4.84 14.92
CA LYS B 107 -11.94 -5.80 14.93
C LYS B 107 -13.24 -5.01 15.05
N ARG B 108 -14.10 -5.17 14.05
CA ARG B 108 -15.32 -4.39 13.89
C ARG B 108 -16.51 -5.34 14.02
N ALA B 109 -17.72 -4.79 14.16
CA ALA B 109 -18.94 -5.58 14.05
C ALA B 109 -19.03 -6.16 12.63
N ASP B 110 -19.49 -7.41 12.52
CA ASP B 110 -19.67 -8.05 11.22
C ASP B 110 -20.57 -7.22 10.33
N ALA B 111 -20.20 -7.10 9.07
CA ALA B 111 -20.95 -6.31 8.10
C ALA B 111 -20.96 -7.02 6.75
N ALA B 112 -22.15 -7.20 6.18
CA ALA B 112 -22.30 -7.89 4.91
C ALA B 112 -21.86 -7.00 3.75
N PRO B 113 -21.31 -7.61 2.68
CA PRO B 113 -20.92 -6.82 1.51
C PRO B 113 -22.11 -6.38 0.67
N THR B 114 -21.96 -5.25 -0.01
CA THR B 114 -22.87 -4.84 -1.07
C THR B 114 -22.20 -5.20 -2.39
N VAL B 115 -22.88 -5.99 -3.21
CA VAL B 115 -22.28 -6.54 -4.42
C VAL B 115 -22.74 -5.85 -5.71
N SER B 116 -21.78 -5.55 -6.58
CA SER B 116 -22.03 -4.94 -7.89
C SER B 116 -21.28 -5.74 -8.95
N ILE B 117 -21.89 -5.88 -10.13
CA ILE B 117 -21.22 -6.54 -11.25
C ILE B 117 -21.10 -5.60 -12.45
N PHE B 118 -19.95 -5.64 -13.11
CA PHE B 118 -19.64 -4.76 -14.23
C PHE B 118 -19.28 -5.55 -15.48
N PRO B 119 -20.17 -5.53 -16.48
CA PRO B 119 -19.83 -6.08 -17.79
C PRO B 119 -18.69 -5.28 -18.43
N PRO B 120 -17.97 -5.89 -19.40
CA PRO B 120 -16.89 -5.16 -20.07
C PRO B 120 -17.43 -3.92 -20.77
N SER B 121 -16.58 -2.92 -20.93
CA SER B 121 -16.95 -1.72 -21.67
C SER B 121 -16.81 -1.97 -23.16
N SER B 122 -17.58 -1.20 -23.94
CA SER B 122 -17.46 -1.22 -25.39
C SER B 122 -16.03 -0.90 -25.80
N GLU B 123 -15.39 0.02 -25.06
CA GLU B 123 -14.00 0.41 -25.29
C GLU B 123 -13.00 -0.74 -25.21
N GLN B 124 -13.15 -1.57 -24.18
CA GLN B 124 -12.29 -2.74 -24.05
C GLN B 124 -12.61 -3.74 -25.14
N LEU B 125 -13.89 -4.00 -25.35
CA LEU B 125 -14.35 -4.99 -26.32
C LEU B 125 -13.83 -4.71 -27.72
N THR B 126 -13.90 -3.44 -28.13
CA THR B 126 -13.43 -3.06 -29.46
C THR B 126 -11.91 -3.31 -29.66
N SER B 127 -11.19 -3.42 -28.55
CA SER B 127 -9.75 -3.65 -28.58
C SER B 127 -9.40 -5.15 -28.50
N GLY B 128 -10.42 -5.99 -28.37
CA GLY B 128 -10.24 -7.45 -28.40
C GLY B 128 -10.20 -8.14 -27.05
N GLY B 129 -10.28 -7.38 -25.97
CA GLY B 129 -10.29 -7.94 -24.62
C GLY B 129 -11.65 -7.85 -23.95
N ALA B 130 -11.83 -8.60 -22.87
CA ALA B 130 -13.07 -8.55 -22.09
C ALA B 130 -12.83 -8.87 -20.62
N SER B 131 -12.95 -7.85 -19.77
CA SER B 131 -12.87 -8.05 -18.33
C SER B 131 -14.22 -7.87 -17.68
N VAL B 132 -14.58 -8.80 -16.80
CA VAL B 132 -15.81 -8.72 -16.03
C VAL B 132 -15.45 -8.55 -14.55
N VAL B 133 -16.05 -7.55 -13.89
CA VAL B 133 -15.66 -7.19 -12.52
C VAL B 133 -16.81 -7.40 -11.52
N CYS B 134 -16.52 -8.11 -10.45
CA CYS B 134 -17.43 -8.23 -9.32
C CYS B 134 -16.85 -7.43 -8.16
N PHE B 135 -17.61 -6.44 -7.68
CA PHE B 135 -17.16 -5.57 -6.61
C PHE B 135 -17.96 -5.82 -5.33
N LEU B 136 -17.24 -6.07 -4.24
CA LEU B 136 -17.82 -6.33 -2.93
C LEU B 136 -17.45 -5.17 -2.01
N ASN B 137 -18.46 -4.47 -1.52
CA ASN B 137 -18.23 -3.18 -0.87
C ASN B 137 -18.58 -3.16 0.62
N ASN B 138 -17.69 -2.61 1.43
CA ASN B 138 -17.96 -2.26 2.84
C ASN B 138 -18.37 -3.41 3.75
N PHE B 139 -17.53 -4.44 3.79
CA PHE B 139 -17.77 -5.62 4.60
C PHE B 139 -16.72 -5.84 5.69
N TYR B 140 -17.10 -6.64 6.69
CA TYR B 140 -16.20 -7.15 7.72
C TYR B 140 -16.76 -8.47 8.24
N PRO B 141 -15.88 -9.48 8.47
CA PRO B 141 -14.42 -9.52 8.36
C PRO B 141 -13.87 -9.58 6.93
N LYS B 142 -12.56 -9.42 6.81
CA LYS B 142 -11.85 -9.37 5.53
C LYS B 142 -12.04 -10.62 4.67
N ASP B 143 -12.10 -11.76 5.35
CA ASP B 143 -12.25 -13.06 4.71
C ASP B 143 -13.54 -13.13 3.90
N ILE B 144 -13.38 -13.37 2.60
CA ILE B 144 -14.52 -13.41 1.68
C ILE B 144 -14.17 -14.23 0.44
N ASN B 145 -15.16 -14.97 -0.07
CA ASN B 145 -14.98 -15.83 -1.23
C ASN B 145 -15.87 -15.38 -2.38
N VAL B 146 -15.28 -15.30 -3.57
CA VAL B 146 -16.03 -14.93 -4.77
C VAL B 146 -15.94 -16.07 -5.77
N LYS B 147 -17.10 -16.59 -6.17
CA LYS B 147 -17.18 -17.64 -7.17
C LYS B 147 -17.74 -17.07 -8.48
N TRP B 148 -17.05 -17.34 -9.58
CA TRP B 148 -17.52 -16.98 -10.92
C TRP B 148 -18.17 -18.17 -11.62
N LYS B 149 -19.33 -17.93 -12.22
CA LYS B 149 -19.99 -18.92 -13.08
C LYS B 149 -20.23 -18.33 -14.47
N ILE B 150 -19.73 -19.02 -15.50
CA ILE B 150 -19.90 -18.59 -16.88
C ILE B 150 -20.77 -19.62 -17.57
N ASP B 151 -21.93 -19.17 -18.06
CA ASP B 151 -22.96 -20.08 -18.57
C ASP B 151 -23.24 -21.20 -17.57
N GLY B 152 -23.27 -20.84 -16.28
CA GLY B 152 -23.57 -21.77 -15.21
C GLY B 152 -22.39 -22.60 -14.71
N SER B 153 -21.29 -22.58 -15.45
CA SER B 153 -20.11 -23.39 -15.12
C SER B 153 -19.07 -22.58 -14.36
N GLU B 154 -18.55 -23.16 -13.28
CA GLU B 154 -17.53 -22.52 -12.46
C GLU B 154 -16.29 -22.20 -13.29
N ARG B 155 -15.77 -20.99 -13.11
CA ARG B 155 -14.55 -20.55 -13.79
C ARG B 155 -13.58 -20.02 -12.73
N GLN B 156 -12.40 -20.62 -12.66
CA GLN B 156 -11.38 -20.21 -11.71
C GLN B 156 -10.22 -19.49 -12.39
N ASN B 157 -9.88 -19.95 -13.59
CA ASN B 157 -8.78 -19.38 -14.37
C ASN B 157 -9.06 -17.97 -14.89
N GLY B 158 -8.04 -17.11 -14.85
CA GLY B 158 -8.14 -15.74 -15.32
C GLY B 158 -8.87 -14.81 -14.38
N VAL B 159 -9.02 -15.24 -13.13
CA VAL B 159 -9.65 -14.43 -12.10
C VAL B 159 -8.57 -13.86 -11.18
N LEU B 160 -8.66 -12.56 -10.93
CA LEU B 160 -7.72 -11.86 -10.07
C LEU B 160 -8.46 -11.12 -8.96
N ASN B 161 -8.12 -11.45 -7.72
CA ASN B 161 -8.77 -10.90 -6.53
C ASN B 161 -7.88 -9.92 -5.78
N SER B 162 -8.46 -8.83 -5.28
CA SER B 162 -7.67 -7.86 -4.52
C SER B 162 -8.55 -7.06 -3.56
N TRP B 163 -7.97 -6.69 -2.42
CA TRP B 163 -8.66 -5.98 -1.34
C TRP B 163 -8.12 -4.55 -1.18
N THR B 164 -8.96 -3.66 -0.68
CA THR B 164 -8.49 -2.39 -0.15
C THR B 164 -7.81 -2.59 1.21
N ASP B 165 -7.10 -1.56 1.67
CA ASP B 165 -6.69 -1.51 3.07
C ASP B 165 -7.93 -1.27 3.92
N GLN B 166 -7.85 -1.61 5.20
CA GLN B 166 -8.97 -1.40 6.09
C GLN B 166 -9.34 0.06 6.13
N ASP B 167 -10.63 0.36 5.99
CA ASP B 167 -11.11 1.75 5.99
C ASP B 167 -10.75 2.51 7.27
N SER B 168 -10.01 3.61 7.11
CA SER B 168 -9.48 4.38 8.24
C SER B 168 -10.56 4.97 9.15
N LYS B 169 -11.78 5.10 8.62
CA LYS B 169 -12.88 5.69 9.37
C LYS B 169 -13.86 4.69 10.00
N ASP B 170 -14.25 3.66 9.24
CA ASP B 170 -15.25 2.71 9.76
C ASP B 170 -14.81 1.22 9.78
N SER B 171 -13.54 0.98 9.47
CA SER B 171 -12.91 -0.34 9.63
C SER B 171 -13.38 -1.44 8.67
N THR B 172 -14.13 -1.08 7.62
CA THR B 172 -14.61 -2.07 6.67
C THR B 172 -13.58 -2.34 5.57
N TYR B 173 -13.81 -3.40 4.80
CA TYR B 173 -13.00 -3.70 3.62
C TYR B 173 -13.86 -3.66 2.38
N SER B 174 -13.22 -3.45 1.24
CA SER B 174 -13.83 -3.69 -0.06
C SER B 174 -12.88 -4.55 -0.88
N MET B 175 -13.42 -5.24 -1.89
CA MET B 175 -12.56 -6.03 -2.77
C MET B 175 -13.16 -6.16 -4.17
N SER B 176 -12.29 -6.36 -5.16
CA SER B 176 -12.77 -6.63 -6.51
C SER B 176 -12.24 -7.98 -6.97
N SER B 177 -13.06 -8.66 -7.77
CA SER B 177 -12.65 -9.88 -8.45
C SER B 177 -12.83 -9.60 -9.93
N THR B 178 -11.75 -9.76 -10.69
CA THR B 178 -11.73 -9.44 -12.12
C THR B 178 -11.50 -10.72 -12.92
N LEU B 179 -12.46 -11.03 -13.79
CA LEU B 179 -12.35 -12.16 -14.69
C LEU B 179 -11.92 -11.66 -16.06
N THR B 180 -10.78 -12.14 -16.53
CA THR B 180 -10.23 -11.72 -17.82
C THR B 180 -10.45 -12.77 -18.91
N LEU B 181 -11.06 -12.31 -20.00
CA LEU B 181 -11.37 -13.15 -21.16
C LEU B 181 -11.00 -12.42 -22.45
N THR B 182 -10.89 -13.15 -23.55
CA THR B 182 -10.85 -12.50 -24.86
C THR B 182 -12.26 -12.07 -25.20
N LYS B 183 -12.40 -11.10 -26.12
CA LYS B 183 -13.71 -10.72 -26.64
C LYS B 183 -14.45 -11.93 -27.24
N ASP B 184 -13.73 -12.70 -28.06
CA ASP B 184 -14.30 -13.92 -28.67
C ASP B 184 -14.79 -14.94 -27.65
N GLU B 185 -14.01 -15.18 -26.60
CA GLU B 185 -14.43 -16.06 -25.50
C GLU B 185 -15.65 -15.49 -24.80
N TYR B 186 -15.63 -14.18 -24.56
CA TYR B 186 -16.74 -13.49 -23.90
C TYR B 186 -18.04 -13.60 -24.70
N GLU B 187 -17.93 -13.42 -26.01
CA GLU B 187 -19.08 -13.48 -26.90
C GLU B 187 -19.58 -14.91 -27.18
N ARG B 188 -18.82 -15.90 -26.73
CA ARG B 188 -19.23 -17.30 -26.88
C ARG B 188 -20.15 -17.76 -25.76
N HIS B 189 -20.37 -16.89 -24.77
CA HIS B 189 -21.22 -17.21 -23.63
C HIS B 189 -22.21 -16.09 -23.34
N ASN B 190 -23.25 -16.39 -22.58
CA ASN B 190 -24.33 -15.44 -22.32
C ASN B 190 -24.38 -14.98 -20.86
N SER B 191 -24.46 -15.92 -19.94
CA SER B 191 -24.63 -15.63 -18.51
C SER B 191 -23.31 -15.46 -17.77
N TYR B 192 -23.20 -14.32 -17.07
CA TYR B 192 -22.04 -14.01 -16.22
C TYR B 192 -22.49 -13.73 -14.79
N THR B 193 -21.97 -14.52 -13.87
CA THR B 193 -22.44 -14.54 -12.48
C THR B 193 -21.27 -14.56 -11.49
N CYS B 194 -21.35 -13.71 -10.47
CA CYS B 194 -20.47 -13.85 -9.31
C CYS B 194 -21.30 -14.10 -8.04
N GLU B 195 -20.82 -15.03 -7.22
CA GLU B 195 -21.45 -15.37 -5.95
C GLU B 195 -20.47 -15.07 -4.83
N ALA B 196 -20.89 -14.23 -3.89
CA ALA B 196 -20.03 -13.82 -2.77
C ALA B 196 -20.46 -14.51 -1.48
N THR B 197 -19.57 -15.36 -0.96
CA THR B 197 -19.83 -16.05 0.31
C THR B 197 -19.07 -15.35 1.45
N HIS B 198 -19.82 -14.96 2.48
CA HIS B 198 -19.29 -14.23 3.63
C HIS B 198 -19.94 -14.79 4.88
N LYS B 199 -19.23 -14.73 6.01
CA LYS B 199 -19.74 -15.34 7.24
C LYS B 199 -20.99 -14.66 7.79
N THR B 200 -21.30 -13.46 7.28
CA THR B 200 -22.51 -12.72 7.67
C THR B 200 -23.80 -13.40 7.22
N SER B 201 -23.71 -14.23 6.18
CA SER B 201 -24.88 -14.97 5.69
C SER B 201 -24.48 -16.34 5.16
N THR B 202 -25.26 -17.36 5.52
CA THR B 202 -25.00 -18.72 5.08
C THR B 202 -25.29 -18.93 3.59
N SER B 203 -26.09 -18.03 3.02
CA SER B 203 -26.37 -18.04 1.58
C SER B 203 -25.59 -16.92 0.88
N PRO B 204 -24.99 -17.24 -0.29
CA PRO B 204 -24.21 -16.24 -1.02
C PRO B 204 -25.08 -15.14 -1.64
N ILE B 205 -24.53 -13.93 -1.72
CA ILE B 205 -25.16 -12.86 -2.47
C ILE B 205 -24.74 -13.00 -3.93
N VAL B 206 -25.73 -13.08 -4.81
CA VAL B 206 -25.51 -13.42 -6.21
C VAL B 206 -25.83 -12.23 -7.09
N LYS B 207 -24.90 -11.88 -7.98
CA LYS B 207 -25.15 -10.86 -9.00
C LYS B 207 -24.86 -11.39 -10.39
N SER B 208 -25.80 -11.18 -11.31
CA SER B 208 -25.65 -11.70 -12.66
C SER B 208 -26.06 -10.67 -13.70
N PHE B 209 -25.54 -10.85 -14.90
CA PHE B 209 -26.06 -10.19 -16.08
C PHE B 209 -26.01 -11.17 -17.25
N ASN B 210 -26.76 -10.85 -18.30
CA ASN B 210 -26.75 -11.65 -19.51
C ASN B 210 -26.24 -10.81 -20.68
N ARG B 211 -25.27 -11.36 -21.42
CA ARG B 211 -24.65 -10.62 -22.53
C ARG B 211 -25.67 -10.19 -23.59
N ASN B 212 -26.74 -10.97 -23.75
CA ASN B 212 -27.85 -10.61 -24.63
C ASN B 212 -28.73 -9.50 -24.04
N GLU B 213 -28.24 -8.88 -22.96
CA GLU B 213 -28.92 -7.81 -22.23
C GLU B 213 -30.28 -8.24 -21.67
N CYS B 214 -30.25 -8.77 -20.45
CA CYS B 214 -31.40 -9.34 -19.75
C CYS B 214 -32.10 -10.45 -20.54
O5 AXR C . 20.94 10.43 21.76
C5 AXR C . 20.16 9.51 20.97
C4 AXR C . 19.56 8.56 21.98
O4 AXR C . 18.64 9.32 22.77
C3 AXR C . 18.61 7.67 21.19
O3 AXR C . 19.39 6.58 20.71
C2 AXR C . 17.82 7.15 22.39
O2 AXR C . 16.53 6.71 21.89
C1 AXR C . 17.57 8.45 23.16
O1 AXR C . 17.72 8.10 24.54
C6 AXR C . 17.32 9.20 25.35
O5 BXY C . 24.14 11.59 18.67
C5 BXY C . 23.49 12.64 18.64
C4 BXY C . 22.82 12.89 19.99
C3 BXY C . 23.83 12.54 21.09
O3 BXY C . 24.15 13.78 21.71
C2 BXY C . 22.91 11.83 22.08
O2 BXY C . 23.72 10.92 22.84
C1 BXY C . 22.14 10.98 21.09
O4 BXY C . 21.76 11.94 20.12
O5 BXY C . 28.50 11.79 16.65
C5 BXY C . 28.22 11.97 17.83
C4 BXY C . 26.82 11.44 18.15
C3 BXY C . 26.75 9.96 17.80
O3 BXY C . 27.00 9.26 19.03
C2 BXY C . 25.26 9.74 17.54
O2 BXY C . 25.21 9.17 16.22
C1 BXY C . 24.67 11.14 17.36
O4 BXY C . 25.85 12.00 17.27
O2 BXX C . 23.74 8.49 14.14
C2 BXX C . 24.38 7.36 14.76
C1 BXX C . 24.75 7.76 16.18
O4 BXX C . 25.84 6.88 16.49
C3 BXX C . 25.77 7.21 14.15
O3 BXX C . 25.60 6.30 13.07
C4 BXX C . 26.44 6.41 15.27
C5 BXX C . 27.87 6.95 15.30
O5 BXX C . 28.55 6.21 16.32
#